data_2GG3
#
_entry.id   2GG3
#
_cell.length_a   39.045
_cell.length_b   62.744
_cell.length_c   52.667
_cell.angle_alpha   90.00
_cell.angle_beta   108.85
_cell.angle_gamma   90.00
#
_symmetry.space_group_name_H-M   'P 1 21 1'
#
loop_
_entity.id
_entity.type
_entity.pdbx_description
1 polymer 'Methionine aminopeptidase'
2 non-polymer 'COBALT (II) ION'
3 non-polymer 'SODIUM ION'
4 non-polymer 4-(4-FLUORO-PHENYLAZO)-5-IMINO-5H-PYRAZOL-3-YLAMINE
5 water water
#
_entity_poly.entity_id   1
_entity_poly.type   'polypeptide(L)'
_entity_poly.pdbx_seq_one_letter_code
;AISIKTPEDIEKMRVAGRLAAEVLEMIEPYVKPGVSTGELDRICNDYIVNEQHAVSACLGYHGYPKSVCISINEVVCHGI
PDDAKLLKDGDIVNIDVTVIKDGFHGDTSKMFIVGKPTIMGERLCRITQESLYLALRMVKPGINLREIGAAIQKFVEAEG
FSVVREYCGHGIGRGFHEEPQVLHYDSRETNVVLKPGMTFTIEPMVNAGKKEIRTMKDGWTVKTKDRSLSAQYEHTIVVT
DNGCEILTLRKDDTIPAIISHDE
;
_entity_poly.pdbx_strand_id   A
#
# COMPACT_ATOMS: atom_id res chain seq x y z
N ALA A 1 -17.28 14.03 -5.51
CA ALA A 1 -16.85 13.65 -6.90
C ALA A 1 -16.15 12.30 -6.90
N ILE A 2 -16.67 11.38 -6.07
CA ILE A 2 -16.18 10.02 -6.08
C ILE A 2 -16.97 9.19 -7.09
N SER A 3 -16.25 8.57 -8.02
CA SER A 3 -16.91 7.72 -8.99
C SER A 3 -17.42 6.46 -8.30
N ILE A 4 -18.58 6.01 -8.75
CA ILE A 4 -19.10 4.71 -8.40
C ILE A 4 -18.87 3.82 -9.59
N LYS A 5 -18.05 2.81 -9.41
CA LYS A 5 -17.75 1.86 -10.45
C LYS A 5 -18.94 0.97 -10.78
N THR A 6 -19.13 0.71 -12.07
CA THR A 6 -20.08 -0.29 -12.57
C THR A 6 -19.59 -1.69 -12.28
N PRO A 7 -20.49 -2.70 -12.30
CA PRO A 7 -20.02 -4.09 -12.18
C PRO A 7 -18.88 -4.42 -13.14
N GLU A 8 -19.00 -3.91 -14.38
CA GLU A 8 -18.00 -4.10 -15.41
CA GLU A 8 -17.99 -4.14 -15.39
C GLU A 8 -16.65 -3.51 -15.01
N ASP A 9 -16.69 -2.27 -14.51
CA ASP A 9 -15.50 -1.53 -14.02
C ASP A 9 -14.88 -2.34 -12.86
N ILE A 10 -15.73 -2.86 -11.98
CA ILE A 10 -15.22 -3.57 -10.78
C ILE A 10 -14.50 -4.85 -11.19
N GLU A 11 -15.04 -5.54 -12.18
CA GLU A 11 -14.35 -6.71 -12.69
C GLU A 11 -12.98 -6.35 -13.27
N LYS A 12 -12.90 -5.23 -13.97
CA LYS A 12 -11.61 -4.76 -14.51
C LYS A 12 -10.67 -4.43 -13.38
N MET A 13 -11.19 -3.85 -12.30
CA MET A 13 -10.35 -3.63 -11.12
CA MET A 13 -10.40 -3.63 -11.08
C MET A 13 -9.95 -4.91 -10.38
N ARG A 14 -10.80 -5.93 -10.40
CA ARG A 14 -10.38 -7.23 -9.91
C ARG A 14 -9.20 -7.77 -10.71
N VAL A 15 -9.26 -7.64 -12.03
CA VAL A 15 -8.18 -8.11 -12.88
C VAL A 15 -6.87 -7.39 -12.56
N ALA A 16 -6.95 -6.07 -12.51
CA ALA A 16 -5.76 -5.25 -12.27
C ALA A 16 -5.19 -5.43 -10.87
N GLY A 17 -6.09 -5.56 -9.91
CA GLY A 17 -5.65 -5.79 -8.55
C GLY A 17 -4.98 -7.14 -8.37
N ARG A 18 -5.52 -8.17 -9.01
CA ARG A 18 -4.88 -9.48 -8.98
C ARG A 18 -3.49 -9.39 -9.58
N LEU A 19 -3.33 -8.69 -10.71
CA LEU A 19 -2.01 -8.55 -11.30
C LEU A 19 -1.03 -7.91 -10.32
N ALA A 20 -1.45 -6.84 -9.66
CA ALA A 20 -0.55 -6.14 -8.77
C ALA A 20 -0.13 -7.06 -7.61
N ALA A 21 -1.09 -7.78 -7.03
CA ALA A 21 -0.77 -8.73 -5.98
C ALA A 21 0.18 -9.82 -6.49
N GLU A 22 -0.03 -10.27 -7.72
CA GLU A 22 0.80 -11.30 -8.28
C GLU A 22 2.22 -10.89 -8.51
N VAL A 23 2.45 -9.60 -8.73
CA VAL A 23 3.83 -9.14 -8.81
C VAL A 23 4.52 -9.34 -7.46
N LEU A 24 3.82 -9.04 -6.37
CA LEU A 24 4.38 -9.22 -5.04
C LEU A 24 4.61 -10.70 -4.72
N GLU A 25 3.73 -11.57 -5.17
CA GLU A 25 3.94 -13.00 -4.96
C GLU A 25 5.11 -13.52 -5.78
N MET A 26 5.22 -13.03 -7.01
CA MET A 26 6.32 -13.42 -7.90
C MET A 26 7.68 -13.01 -7.35
N ILE A 27 7.76 -11.81 -6.77
CA ILE A 27 9.07 -11.27 -6.43
C ILE A 27 9.66 -11.88 -5.17
N GLU A 28 8.79 -12.42 -4.32
CA GLU A 28 9.18 -12.92 -3.01
C GLU A 28 10.46 -13.76 -2.97
N PRO A 29 10.58 -14.81 -3.79
CA PRO A 29 11.80 -15.65 -3.72
C PRO A 29 13.09 -14.94 -4.11
N TYR A 30 12.99 -13.77 -4.74
CA TYR A 30 14.15 -12.98 -5.12
C TYR A 30 14.59 -12.03 -4.00
N VAL A 31 13.73 -11.83 -3.00
CA VAL A 31 14.01 -10.87 -1.95
C VAL A 31 14.85 -11.57 -0.90
N LYS A 32 16.16 -11.45 -1.04
CA LYS A 32 17.11 -12.22 -0.24
C LYS A 32 18.34 -11.37 0.03
N PRO A 33 19.08 -11.68 1.10
CA PRO A 33 20.32 -10.94 1.31
C PRO A 33 21.21 -10.96 0.07
N GLY A 34 21.75 -9.79 -0.28
CA GLY A 34 22.66 -9.64 -1.40
C GLY A 34 22.06 -9.17 -2.70
N VAL A 35 20.74 -9.30 -2.86
CA VAL A 35 20.12 -8.82 -4.10
C VAL A 35 20.08 -7.29 -4.12
N SER A 36 20.22 -6.68 -5.30
CA SER A 36 20.07 -5.23 -5.38
C SER A 36 18.62 -4.85 -5.62
N THR A 37 18.24 -3.65 -5.16
CA THR A 37 16.89 -3.17 -5.42
C THR A 37 16.71 -2.88 -6.91
N GLY A 38 17.81 -2.53 -7.58
CA GLY A 38 17.74 -2.33 -9.03
C GLY A 38 17.32 -3.59 -9.76
N GLU A 39 17.89 -4.71 -9.34
CA GLU A 39 17.55 -6.00 -9.92
C GLU A 39 16.09 -6.36 -9.64
N LEU A 40 15.65 -6.15 -8.39
CA LEU A 40 14.24 -6.42 -8.07
C LEU A 40 13.30 -5.63 -8.98
N ASP A 41 13.61 -4.35 -9.22
CA ASP A 41 12.78 -3.55 -10.08
C ASP A 41 12.76 -4.04 -11.53
N ARG A 42 13.92 -4.46 -12.04
CA ARG A 42 13.93 -4.99 -13.40
C ARG A 42 13.10 -6.26 -13.50
N ILE A 43 13.21 -7.13 -12.50
CA ILE A 43 12.41 -8.35 -12.50
C ILE A 43 10.92 -8.00 -12.52
N CYS A 44 10.53 -7.05 -11.68
CA CYS A 44 9.13 -6.66 -11.62
C CYS A 44 8.68 -6.05 -12.96
N ASN A 45 9.47 -5.13 -13.51
CA ASN A 45 9.04 -4.51 -14.75
C ASN A 45 8.91 -5.55 -15.88
N ASP A 46 9.88 -6.46 -15.99
CA ASP A 46 9.83 -7.46 -17.06
C ASP A 46 8.59 -8.34 -16.91
N TYR A 47 8.23 -8.65 -15.67
CA TYR A 47 7.05 -9.49 -15.41
C TYR A 47 5.78 -8.75 -15.82
N ILE A 48 5.68 -7.49 -15.39
CA ILE A 48 4.52 -6.67 -15.68
C ILE A 48 4.30 -6.52 -17.19
N VAL A 49 5.37 -6.19 -17.91
CA VAL A 49 5.29 -5.93 -19.34
C VAL A 49 5.18 -7.22 -20.15
N ASN A 50 6.09 -8.14 -19.90
CA ASN A 50 6.23 -9.31 -20.78
C ASN A 50 5.31 -10.48 -20.45
N GLU A 51 4.91 -10.63 -19.20
CA GLU A 51 4.08 -11.74 -18.80
C GLU A 51 2.66 -11.27 -18.51
N GLN A 52 2.50 -10.15 -17.81
CA GLN A 52 1.15 -9.70 -17.49
C GLN A 52 0.53 -8.88 -18.61
N HIS A 53 1.35 -8.38 -19.53
CA HIS A 53 0.88 -7.51 -20.60
C HIS A 53 0.15 -6.30 -20.03
N ALA A 54 0.77 -5.71 -19.00
CA ALA A 54 0.26 -4.54 -18.33
C ALA A 54 1.36 -3.46 -18.32
N VAL A 55 1.08 -2.33 -17.68
CA VAL A 55 2.14 -1.31 -17.54
CA VAL A 55 2.06 -1.23 -17.57
C VAL A 55 2.20 -0.79 -16.11
N SER A 56 3.41 -0.41 -15.70
CA SER A 56 3.58 0.22 -14.40
C SER A 56 3.00 1.62 -14.38
N ALA A 57 2.19 1.93 -13.38
CA ALA A 57 1.67 3.27 -13.21
C ALA A 57 2.68 4.27 -12.68
N CYS A 58 3.76 3.78 -12.06
CA CYS A 58 4.76 4.68 -11.46
CA CYS A 58 4.70 4.76 -11.49
C CYS A 58 5.75 5.21 -12.49
N LEU A 59 6.06 4.39 -13.47
CA LEU A 59 7.09 4.75 -14.43
C LEU A 59 6.69 6.01 -15.23
N GLY A 60 7.50 7.06 -15.09
CA GLY A 60 7.23 8.34 -15.72
C GLY A 60 6.33 9.29 -14.97
N TYR A 61 5.67 8.77 -13.93
CA TYR A 61 4.67 9.53 -13.17
C TYR A 61 5.38 10.60 -12.35
N HIS A 62 5.10 11.86 -12.66
CA HIS A 62 5.86 12.97 -12.10
C HIS A 62 7.35 12.82 -12.34
N GLY A 63 7.68 12.04 -13.36
CA GLY A 63 9.06 11.81 -13.71
C GLY A 63 9.76 10.68 -12.96
N TYR A 64 9.00 9.89 -12.21
CA TYR A 64 9.58 8.82 -11.41
C TYR A 64 10.27 7.84 -12.36
N PRO A 65 11.53 7.50 -12.07
CA PRO A 65 12.32 6.78 -13.08
C PRO A 65 12.23 5.26 -13.15
N LYS A 66 11.54 4.64 -12.19
CA LYS A 66 11.53 3.18 -12.07
C LYS A 66 10.09 2.66 -12.10
N SER A 67 9.93 1.34 -12.05
CA SER A 67 8.63 0.73 -12.22
C SER A 67 7.90 0.39 -10.93
N VAL A 68 8.66 0.19 -9.84
CA VAL A 68 8.09 -0.03 -8.52
C VAL A 68 8.84 0.87 -7.54
N CYS A 69 8.25 1.08 -6.36
CA CYS A 69 8.98 1.76 -5.30
C CYS A 69 9.45 0.75 -4.29
N ILE A 70 10.72 0.86 -3.89
CA ILE A 70 11.29 -0.06 -2.94
C ILE A 70 11.94 0.73 -1.82
N SER A 71 11.40 0.58 -0.61
CA SER A 71 11.75 1.43 0.54
C SER A 71 12.27 0.61 1.72
N ILE A 72 13.56 0.77 2.02
CA ILE A 72 14.20 -0.04 3.04
C ILE A 72 14.34 0.70 4.36
N ASN A 73 13.99 0.03 5.46
CA ASN A 73 14.31 0.52 6.81
C ASN A 73 13.73 1.90 7.11
N GLU A 74 14.59 2.90 7.35
CA GLU A 74 14.12 4.24 7.66
C GLU A 74 13.56 5.01 6.47
N VAL A 75 13.69 4.48 5.27
CA VAL A 75 13.00 5.04 4.11
C VAL A 75 11.52 4.75 4.23
N VAL A 76 10.74 5.82 4.29
CA VAL A 76 9.30 5.77 4.49
C VAL A 76 8.55 5.41 3.23
N CYS A 77 8.95 6.00 2.12
CA CYS A 77 8.28 5.77 0.85
C CYS A 77 9.11 6.32 -0.29
N HIS A 78 8.72 5.87 -1.49
CA HIS A 78 9.26 6.38 -2.75
C HIS A 78 10.74 6.07 -2.95
N GLY A 79 11.21 5.05 -2.23
CA GLY A 79 12.59 4.60 -2.42
C GLY A 79 12.82 4.20 -3.87
N ILE A 80 13.96 4.64 -4.42
CA ILE A 80 14.28 4.43 -5.83
C ILE A 80 15.17 3.21 -6.00
N PRO A 81 14.70 2.19 -6.71
CA PRO A 81 15.55 1.04 -7.01
C PRO A 81 16.90 1.47 -7.57
N ASP A 82 17.97 0.79 -7.15
CA ASP A 82 19.33 1.20 -7.48
C ASP A 82 20.18 -0.06 -7.51
N ASP A 83 21.02 -0.21 -8.54
CA ASP A 83 21.85 -1.40 -8.67
C ASP A 83 22.86 -1.50 -7.54
N ALA A 84 23.19 -0.38 -6.90
CA ALA A 84 24.20 -0.35 -5.85
C ALA A 84 23.63 -0.63 -4.46
N LYS A 85 22.31 -0.60 -4.31
CA LYS A 85 21.69 -0.75 -2.99
C LYS A 85 21.35 -2.22 -2.79
N LEU A 86 22.09 -2.88 -1.91
CA LEU A 86 21.93 -4.30 -1.66
C LEU A 86 21.17 -4.55 -0.36
N LEU A 87 20.23 -5.49 -0.42
CA LEU A 87 19.52 -5.92 0.77
C LEU A 87 20.44 -6.73 1.68
N LYS A 88 20.17 -6.69 2.96
CA LYS A 88 20.98 -7.42 3.93
C LYS A 88 20.12 -7.93 5.06
N ASP A 89 20.68 -8.90 5.76
CA ASP A 89 20.08 -9.52 6.91
CA ASP A 89 20.03 -9.52 6.89
C ASP A 89 19.48 -8.48 7.84
N GLY A 90 18.22 -8.69 8.22
CA GLY A 90 17.54 -7.82 9.14
C GLY A 90 16.78 -6.67 8.51
N ASP A 91 17.00 -6.40 7.24
CA ASP A 91 16.31 -5.27 6.62
C ASP A 91 14.80 -5.53 6.56
N ILE A 92 14.02 -4.46 6.68
CA ILE A 92 12.62 -4.48 6.31
C ILE A 92 12.46 -3.66 5.05
N VAL A 93 11.69 -4.18 4.11
CA VAL A 93 11.64 -3.62 2.79
C VAL A 93 10.20 -3.57 2.30
N ASN A 94 9.74 -2.38 1.94
CA ASN A 94 8.45 -2.25 1.28
C ASN A 94 8.67 -2.30 -0.21
N ILE A 95 7.86 -3.08 -0.92
CA ILE A 95 7.75 -2.99 -2.37
C ILE A 95 6.29 -2.62 -2.69
N ASP A 96 6.15 -1.53 -3.43
CA ASP A 96 4.85 -0.94 -3.76
C ASP A 96 4.69 -1.04 -5.27
N VAL A 97 3.65 -1.76 -5.68
CA VAL A 97 3.35 -2.06 -7.06
C VAL A 97 2.04 -1.42 -7.48
N THR A 98 2.06 -0.71 -8.61
CA THR A 98 0.84 -0.18 -9.21
C THR A 98 0.87 -0.49 -10.68
N VAL A 99 -0.14 -1.23 -11.13
CA VAL A 99 -0.23 -1.58 -12.53
C VAL A 99 -1.51 -1.06 -13.14
N ILE A 100 -1.45 -0.85 -14.46
CA ILE A 100 -2.62 -0.49 -15.24
C ILE A 100 -2.87 -1.63 -16.22
N LYS A 101 -4.12 -2.09 -16.26
CA LYS A 101 -4.52 -3.14 -17.17
C LYS A 101 -5.96 -2.84 -17.64
N ASP A 102 -6.13 -2.78 -18.96
CA ASP A 102 -7.45 -2.58 -19.55
C ASP A 102 -8.03 -1.27 -19.02
N GLY A 103 -7.15 -0.29 -18.80
CA GLY A 103 -7.54 1.05 -18.36
C GLY A 103 -7.69 1.29 -16.86
N PHE A 104 -7.61 0.21 -16.07
CA PHE A 104 -7.82 0.31 -14.63
C PHE A 104 -6.57 0.00 -13.83
N HIS A 105 -6.46 0.68 -12.69
CA HIS A 105 -5.32 0.52 -11.79
C HIS A 105 -5.54 -0.48 -10.65
N GLY A 106 -4.45 -1.15 -10.29
CA GLY A 106 -4.37 -1.96 -9.07
C GLY A 106 -3.12 -1.56 -8.31
N ASP A 107 -3.24 -1.41 -7.00
CA ASP A 107 -2.21 -0.75 -6.21
C ASP A 107 -2.11 -1.49 -4.88
N THR A 108 -0.90 -1.97 -4.59
CA THR A 108 -0.70 -2.73 -3.38
C THR A 108 0.77 -2.69 -2.99
N SER A 109 1.01 -2.92 -1.71
CA SER A 109 2.38 -2.99 -1.20
C SER A 109 2.43 -3.87 0.02
N LYS A 110 3.63 -4.39 0.31
CA LYS A 110 3.81 -5.18 1.50
C LYS A 110 5.24 -5.03 1.96
N MET A 111 5.46 -5.41 3.22
CA MET A 111 6.80 -5.51 3.77
C MET A 111 7.33 -6.93 3.60
N PHE A 112 8.63 -6.99 3.31
CA PHE A 112 9.41 -8.23 3.32
C PHE A 112 10.49 -8.06 4.38
N ILE A 113 10.70 -9.06 5.21
CA ILE A 113 11.83 -9.07 6.14
C ILE A 113 12.91 -9.93 5.52
N VAL A 114 14.12 -9.37 5.42
CA VAL A 114 15.17 -10.00 4.68
C VAL A 114 16.01 -10.82 5.64
N GLY A 115 16.21 -12.09 5.32
CA GLY A 115 17.11 -12.92 6.10
C GLY A 115 16.64 -13.02 7.53
N LYS A 116 17.58 -12.93 8.46
CA LYS A 116 17.26 -13.09 9.86
C LYS A 116 16.57 -11.83 10.40
N PRO A 117 15.35 -11.96 10.90
CA PRO A 117 14.59 -10.79 11.34
C PRO A 117 15.18 -10.17 12.59
N THR A 118 15.00 -8.87 12.72
CA THR A 118 15.10 -8.22 14.01
C THR A 118 13.74 -8.21 14.65
N ILE A 119 13.72 -8.29 15.97
CA ILE A 119 12.45 -8.37 16.66
C ILE A 119 11.67 -7.05 16.50
N MET A 120 12.37 -5.92 16.53
CA MET A 120 11.68 -4.65 16.40
C MET A 120 11.12 -4.45 14.97
N GLY A 121 11.88 -4.85 13.96
CA GLY A 121 11.37 -4.77 12.59
C GLY A 121 10.17 -5.66 12.41
N GLU A 122 10.23 -6.87 12.94
CA GLU A 122 9.09 -7.79 12.88
C GLU A 122 7.85 -7.18 13.55
N ARG A 123 8.04 -6.57 14.71
CA ARG A 123 6.91 -6.00 15.45
C ARG A 123 6.30 -4.80 14.71
N LEU A 124 7.17 -3.91 14.20
CA LEU A 124 6.69 -2.77 13.44
C LEU A 124 5.87 -3.24 12.24
N CYS A 125 6.37 -4.23 11.50
CA CYS A 125 5.66 -4.69 10.33
C CYS A 125 4.32 -5.30 10.73
N ARG A 126 4.32 -6.11 11.78
CA ARG A 126 3.10 -6.80 12.20
CA ARG A 126 3.13 -6.80 12.24
C ARG A 126 2.04 -5.79 12.61
N ILE A 127 2.42 -4.80 13.41
CA ILE A 127 1.46 -3.79 13.85
C ILE A 127 0.96 -2.97 12.67
N THR A 128 1.83 -2.66 11.72
CA THR A 128 1.42 -1.93 10.53
C THR A 128 0.38 -2.73 9.76
N GLN A 129 0.65 -4.00 9.53
CA GLN A 129 -0.34 -4.80 8.81
C GLN A 129 -1.66 -4.89 9.60
N GLU A 130 -1.55 -5.06 10.92
CA GLU A 130 -2.73 -5.15 11.75
C GLU A 130 -3.56 -3.87 11.67
N SER A 131 -2.87 -2.74 11.52
CA SER A 131 -3.60 -1.46 11.42
C SER A 131 -4.36 -1.36 10.10
N LEU A 132 -3.77 -1.92 9.05
CA LEU A 132 -4.49 -2.01 7.77
C LEU A 132 -5.71 -2.94 7.89
N TYR A 133 -5.49 -4.11 8.48
CA TYR A 133 -6.57 -5.08 8.64
C TYR A 133 -7.74 -4.55 9.47
N LEU A 134 -7.43 -3.84 10.56
CA LEU A 134 -8.44 -3.28 11.42
CA LEU A 134 -8.52 -3.35 11.39
C LEU A 134 -9.31 -2.31 10.60
N ALA A 135 -8.65 -1.50 9.77
CA ALA A 135 -9.35 -0.55 8.94
C ALA A 135 -10.21 -1.26 7.89
N LEU A 136 -9.67 -2.33 7.28
CA LEU A 136 -10.44 -3.10 6.28
C LEU A 136 -11.73 -3.65 6.89
N ARG A 137 -11.64 -4.12 8.14
CA ARG A 137 -12.80 -4.67 8.83
C ARG A 137 -13.89 -3.64 9.12
N MET A 138 -13.54 -2.36 9.02
CA MET A 138 -14.49 -1.29 9.28
C MET A 138 -15.27 -0.84 8.03
N VAL A 139 -14.76 -1.16 6.85
CA VAL A 139 -15.31 -0.57 5.63
C VAL A 139 -16.66 -1.21 5.29
N LYS A 140 -17.69 -0.38 5.23
CA LYS A 140 -19.01 -0.81 4.76
C LYS A 140 -19.80 0.45 4.47
N PRO A 141 -20.90 0.30 3.71
CA PRO A 141 -21.69 1.48 3.43
C PRO A 141 -22.12 2.23 4.69
N GLY A 142 -22.04 3.56 4.64
CA GLY A 142 -22.53 4.40 5.73
C GLY A 142 -21.48 4.80 6.74
N ILE A 143 -20.37 4.09 6.76
CA ILE A 143 -19.30 4.46 7.67
C ILE A 143 -18.58 5.68 7.11
N ASN A 144 -18.10 6.53 8.02
CA ASN A 144 -17.28 7.66 7.62
C ASN A 144 -15.80 7.31 7.59
N LEU A 145 -15.11 7.70 6.53
CA LEU A 145 -13.65 7.58 6.47
C LEU A 145 -12.97 8.18 7.71
N ARG A 146 -13.54 9.19 8.34
CA ARG A 146 -12.93 9.76 9.51
C ARG A 146 -12.77 8.74 10.65
N GLU A 147 -13.78 7.90 10.83
CA GLU A 147 -13.79 6.89 11.89
C GLU A 147 -12.65 5.90 11.67
N ILE A 148 -12.38 5.60 10.39
CA ILE A 148 -11.35 4.65 10.04
C ILE A 148 -9.97 5.22 10.31
N GLY A 149 -9.75 6.46 9.91
CA GLY A 149 -8.48 7.12 10.17
C GLY A 149 -8.22 7.20 11.65
N ALA A 150 -9.26 7.58 12.41
CA ALA A 150 -9.10 7.70 13.84
C ALA A 150 -8.69 6.37 14.49
N ALA A 151 -9.29 5.29 14.00
CA ALA A 151 -9.07 3.96 14.57
C ALA A 151 -7.65 3.46 14.27
N ILE A 152 -7.16 3.73 13.06
CA ILE A 152 -5.77 3.35 12.71
C ILE A 152 -4.81 4.08 13.65
N GLN A 153 -5.01 5.38 13.81
CA GLN A 153 -4.10 6.17 14.61
C GLN A 153 -4.09 5.72 16.07
N LYS A 154 -5.26 5.46 16.64
CA LYS A 154 -5.36 5.02 18.03
CA LYS A 154 -5.34 5.03 18.03
C LYS A 154 -4.58 3.71 18.25
N PHE A 155 -4.76 2.78 17.32
CA PHE A 155 -4.14 1.47 17.42
C PHE A 155 -2.61 1.56 17.38
N VAL A 156 -2.12 2.31 16.40
CA VAL A 156 -0.68 2.47 16.18
C VAL A 156 -0.03 3.20 17.34
N GLU A 157 -0.67 4.28 17.78
CA GLU A 157 -0.10 5.05 18.88
C GLU A 157 -0.04 4.27 20.19
N ALA A 158 -1.01 3.39 20.42
CA ALA A 158 -0.99 2.59 21.65
C ALA A 158 0.23 1.67 21.72
N GLU A 159 0.81 1.35 20.57
CA GLU A 159 1.99 0.50 20.49
C GLU A 159 3.29 1.28 20.60
N GLY A 160 3.16 2.58 20.77
CA GLY A 160 4.31 3.45 20.81
C GLY A 160 4.89 3.85 19.47
N PHE A 161 4.12 3.64 18.42
CA PHE A 161 4.53 4.01 17.07
C PHE A 161 3.75 5.26 16.65
N SER A 162 4.06 5.76 15.46
CA SER A 162 3.40 6.95 14.94
C SER A 162 2.95 6.78 13.50
N VAL A 163 1.92 7.54 13.11
CA VAL A 163 1.43 7.58 11.74
C VAL A 163 1.92 8.80 10.96
N VAL A 164 2.47 8.53 9.78
CA VAL A 164 2.92 9.59 8.89
C VAL A 164 1.72 10.35 8.32
N ARG A 165 1.77 11.68 8.40
CA ARG A 165 0.65 12.57 8.05
C ARG A 165 0.64 12.98 6.58
N GLU A 166 1.82 12.98 5.97
CA GLU A 166 1.99 13.62 4.65
C GLU A 166 1.47 12.81 3.48
N TYR A 167 1.17 11.53 3.73
CA TYR A 167 0.78 10.64 2.65
C TYR A 167 -0.51 9.97 3.11
N CYS A 168 -1.29 9.53 2.15
CA CYS A 168 -2.59 8.95 2.44
C CYS A 168 -3.01 7.93 1.38
N GLY A 169 -4.04 7.16 1.70
CA GLY A 169 -4.67 6.32 0.69
C GLY A 169 -5.50 7.18 -0.24
N HIS A 170 -6.09 6.57 -1.25
CA HIS A 170 -6.69 7.36 -2.31
C HIS A 170 -7.71 6.56 -3.07
N GLY A 171 -8.72 7.24 -3.56
CA GLY A 171 -9.48 6.69 -4.66
C GLY A 171 -8.59 6.20 -5.80
N ILE A 172 -9.10 5.25 -6.55
CA ILE A 172 -8.36 4.63 -7.63
C ILE A 172 -9.32 4.05 -8.67
N GLY A 173 -8.94 4.08 -9.94
CA GLY A 173 -9.80 3.56 -11.00
C GLY A 173 -9.10 3.69 -12.33
N ARG A 174 -9.73 4.41 -13.27
CA ARG A 174 -9.00 4.84 -14.46
C ARG A 174 -7.86 5.81 -14.13
N GLY A 175 -7.95 6.51 -13.01
CA GLY A 175 -6.84 7.31 -12.52
C GLY A 175 -6.13 6.63 -11.36
N PHE A 176 -4.83 6.91 -11.22
CA PHE A 176 -4.00 6.37 -10.15
C PHE A 176 -4.50 6.92 -8.81
N HIS A 177 -4.55 8.25 -8.69
CA HIS A 177 -5.07 8.91 -7.51
C HIS A 177 -6.36 9.65 -7.84
N GLU A 178 -7.47 9.21 -7.26
CA GLU A 178 -8.80 9.79 -7.45
C GLU A 178 -9.31 10.17 -6.07
N GLU A 179 -10.39 10.92 -6.03
CA GLU A 179 -11.10 11.15 -4.77
CA GLU A 179 -11.11 11.15 -4.78
C GLU A 179 -11.65 9.83 -4.26
N PRO A 180 -11.72 9.68 -2.91
CA PRO A 180 -11.28 10.59 -1.86
C PRO A 180 -9.83 10.38 -1.39
N GLN A 181 -9.34 11.34 -0.62
CA GLN A 181 -8.17 11.13 0.23
C GLN A 181 -8.56 10.24 1.38
N VAL A 182 -7.68 9.31 1.72
CA VAL A 182 -7.89 8.37 2.84
C VAL A 182 -6.82 8.59 3.90
N LEU A 183 -7.04 9.55 4.79
CA LEU A 183 -6.10 9.80 5.86
C LEU A 183 -6.09 8.66 6.88
N HIS A 184 -4.90 8.36 7.41
CA HIS A 184 -4.76 7.27 8.36
C HIS A 184 -4.67 7.81 9.78
N TYR A 185 -5.32 8.96 9.98
CA TYR A 185 -5.37 9.59 11.29
C TYR A 185 -6.61 10.45 11.32
N ASP A 186 -6.95 10.89 12.52
CA ASP A 186 -8.18 11.66 12.69
C ASP A 186 -8.03 13.08 12.21
N SER A 187 -8.99 13.56 11.41
CA SER A 187 -9.04 14.96 10.98
C SER A 187 -10.46 15.44 10.91
N ARG A 188 -10.64 16.66 11.42
CA ARG A 188 -11.91 17.36 11.28
CA ARG A 188 -11.92 17.33 11.28
C ARG A 188 -12.26 17.68 9.82
N GLU A 189 -11.27 17.67 8.94
CA GLU A 189 -11.60 17.84 7.53
C GLU A 189 -12.17 16.63 6.83
N THR A 190 -12.14 15.46 7.47
CA THR A 190 -12.61 14.27 6.78
C THR A 190 -14.09 14.12 7.08
N ASN A 191 -14.89 14.08 6.02
CA ASN A 191 -16.32 13.76 6.08
C ASN A 191 -16.74 13.09 4.79
N VAL A 192 -16.45 11.80 4.68
CA VAL A 192 -16.77 10.97 3.52
C VAL A 192 -17.51 9.72 3.98
N VAL A 193 -18.78 9.65 3.63
CA VAL A 193 -19.63 8.51 3.89
C VAL A 193 -19.53 7.49 2.75
N LEU A 194 -19.15 6.26 3.08
CA LEU A 194 -18.92 5.26 2.06
C LEU A 194 -20.22 4.74 1.43
N LYS A 195 -20.13 4.42 0.14
CA LYS A 195 -21.23 3.89 -0.67
C LYS A 195 -20.72 2.71 -1.47
N PRO A 196 -21.58 1.73 -1.75
CA PRO A 196 -21.16 0.61 -2.58
C PRO A 196 -20.65 1.11 -3.92
N GLY A 197 -19.60 0.46 -4.38
CA GLY A 197 -19.05 0.78 -5.68
C GLY A 197 -17.89 1.76 -5.66
N MET A 198 -17.65 2.40 -4.53
CA MET A 198 -16.42 3.16 -4.37
C MET A 198 -15.23 2.23 -4.28
N THR A 199 -14.14 2.65 -4.94
CA THR A 199 -12.88 1.92 -4.91
C THR A 199 -11.75 2.82 -4.45
N PHE A 200 -11.00 2.33 -3.46
CA PHE A 200 -9.95 3.16 -2.89
C PHE A 200 -8.92 2.27 -2.20
N THR A 201 -7.79 2.88 -1.86
CA THR A 201 -6.74 2.18 -1.11
C THR A 201 -6.70 2.62 0.36
N ILE A 202 -6.13 1.73 1.17
CA ILE A 202 -5.76 2.03 2.54
C ILE A 202 -4.30 1.59 2.62
N GLU A 203 -3.44 2.47 3.13
CA GLU A 203 -2.01 2.31 3.01
C GLU A 203 -1.21 3.04 4.08
N PRO A 204 -1.47 2.69 5.35
CA PRO A 204 -0.80 3.42 6.44
C PRO A 204 0.71 3.26 6.41
N MET A 205 1.41 4.38 6.61
CA MET A 205 2.86 4.43 6.84
C MET A 205 3.06 4.72 8.33
N VAL A 206 3.85 3.85 8.98
CA VAL A 206 3.97 3.81 10.41
C VAL A 206 5.45 3.81 10.73
N ASN A 207 5.82 4.74 11.62
CA ASN A 207 7.21 4.87 12.04
C ASN A 207 7.37 4.31 13.46
N ALA A 208 8.48 3.62 13.73
CA ALA A 208 8.74 3.14 15.08
C ALA A 208 8.94 4.30 16.06
N GLY A 209 9.50 5.38 15.55
CA GLY A 209 9.78 6.57 16.32
C GLY A 209 8.75 7.64 16.07
N LYS A 210 9.25 8.87 15.89
CA LYS A 210 8.41 10.03 15.69
C LYS A 210 7.87 10.15 14.27
N LYS A 211 6.78 10.89 14.13
CA LYS A 211 6.03 10.95 12.88
C LYS A 211 6.70 11.77 11.77
N GLU A 212 7.59 12.68 12.16
CA GLU A 212 8.18 13.58 11.21
C GLU A 212 9.06 12.90 10.17
N ILE A 213 8.99 13.41 8.95
CA ILE A 213 9.74 12.88 7.81
C ILE A 213 10.56 13.95 7.09
N ARG A 214 11.38 13.51 6.15
CA ARG A 214 12.29 14.37 5.41
C ARG A 214 12.53 13.83 3.99
N THR A 215 12.61 14.68 2.96
CA THR A 215 12.93 14.23 1.60
C THR A 215 14.40 14.44 1.29
N MET A 216 15.00 13.45 0.64
CA MET A 216 16.41 13.49 0.31
C MET A 216 16.67 14.39 -0.88
N LYS A 217 17.94 14.65 -1.15
CA LYS A 217 18.32 15.58 -2.21
C LYS A 217 18.09 15.01 -3.62
N ASP A 218 17.83 13.70 -3.71
CA ASP A 218 17.46 13.11 -4.99
C ASP A 218 16.04 13.50 -5.43
N GLY A 219 15.33 14.22 -4.57
CA GLY A 219 13.98 14.68 -4.90
C GLY A 219 12.88 13.65 -4.77
N TRP A 220 13.22 12.44 -4.32
CA TRP A 220 12.25 11.33 -4.29
C TRP A 220 12.18 10.65 -2.93
N THR A 221 13.35 10.27 -2.43
CA THR A 221 13.42 9.35 -1.29
C THR A 221 13.02 10.07 -0.02
N VAL A 222 12.04 9.51 0.69
CA VAL A 222 11.55 10.08 1.96
C VAL A 222 12.02 9.19 3.12
N LYS A 223 12.62 9.79 4.13
CA LYS A 223 13.08 9.10 5.33
C LYS A 223 12.45 9.63 6.61
N THR A 224 12.47 8.84 7.68
CA THR A 224 12.07 9.33 8.97
C THR A 224 13.09 10.37 9.42
N LYS A 225 12.61 11.47 10.00
CA LYS A 225 13.52 12.49 10.48
C LYS A 225 14.49 11.94 11.56
N ASP A 226 14.01 11.05 12.41
CA ASP A 226 14.79 10.49 13.51
C ASP A 226 15.52 9.20 13.14
N ARG A 227 15.39 8.79 11.90
CA ARG A 227 16.07 7.60 11.36
C ARG A 227 15.56 6.32 11.99
N SER A 228 14.38 6.37 12.60
CA SER A 228 13.70 5.15 13.02
C SER A 228 13.16 4.37 11.82
N LEU A 229 12.90 3.09 12.05
CA LEU A 229 12.31 2.27 10.98
C LEU A 229 10.90 2.75 10.64
N SER A 230 10.51 2.47 9.40
CA SER A 230 9.16 2.77 8.95
C SER A 230 8.66 1.58 8.14
N ALA A 231 7.35 1.39 8.20
CA ALA A 231 6.72 0.28 7.48
C ALA A 231 5.36 0.70 6.89
N GLN A 232 4.96 0.00 5.84
CA GLN A 232 3.70 0.27 5.14
C GLN A 232 3.17 -1.03 4.56
N TYR A 233 1.85 -1.17 4.55
CA TYR A 233 1.14 -2.16 3.75
C TYR A 233 -0.04 -1.45 3.11
N GLU A 234 -0.43 -1.95 1.94
CA GLU A 234 -1.46 -1.32 1.12
C GLU A 234 -2.32 -2.36 0.44
N HIS A 235 -3.64 -2.12 0.46
CA HIS A 235 -4.57 -2.88 -0.36
C HIS A 235 -5.51 -1.92 -1.07
N THR A 236 -5.97 -2.37 -2.23
CA THR A 236 -7.08 -1.74 -2.96
C THR A 236 -8.37 -2.51 -2.68
N ILE A 237 -9.46 -1.79 -2.45
CA ILE A 237 -10.73 -2.43 -2.12
CA ILE A 237 -10.74 -2.39 -2.07
C ILE A 237 -11.88 -1.78 -2.89
N VAL A 238 -12.99 -2.50 -2.95
CA VAL A 238 -14.26 -1.95 -3.41
C VAL A 238 -15.25 -2.10 -2.24
N VAL A 239 -16.05 -1.05 -2.04
CA VAL A 239 -17.12 -1.09 -1.02
C VAL A 239 -18.26 -1.91 -1.66
N THR A 240 -18.79 -2.86 -0.89
CA THR A 240 -19.90 -3.69 -1.33
C THR A 240 -21.16 -3.34 -0.54
N ASP A 241 -22.26 -4.02 -0.87
CA ASP A 241 -23.52 -3.73 -0.19
C ASP A 241 -23.44 -4.01 1.31
N ASN A 242 -22.61 -4.97 1.70
CA ASN A 242 -22.54 -5.35 3.11
C ASN A 242 -21.18 -5.26 3.77
N GLY A 243 -20.22 -4.67 3.07
CA GLY A 243 -18.86 -4.61 3.58
C GLY A 243 -17.90 -4.17 2.53
N CYS A 244 -16.88 -5.00 2.32
CA CYS A 244 -15.93 -4.73 1.25
C CYS A 244 -15.37 -5.99 0.63
N GLU A 245 -14.70 -5.79 -0.50
CA GLU A 245 -13.98 -6.86 -1.16
C GLU A 245 -12.57 -6.30 -1.40
N ILE A 246 -11.59 -7.09 -0.98
CA ILE A 246 -10.20 -6.75 -1.19
C ILE A 246 -9.79 -7.26 -2.57
N LEU A 247 -9.28 -6.36 -3.41
CA LEU A 247 -8.96 -6.68 -4.79
C LEU A 247 -7.50 -7.12 -5.03
N THR A 248 -6.65 -6.87 -4.03
CA THR A 248 -5.24 -7.15 -4.12
C THR A 248 -4.78 -8.20 -3.09
N LEU A 249 -5.68 -9.10 -2.69
CA LEU A 249 -5.29 -10.10 -1.72
C LEU A 249 -4.24 -11.07 -2.25
N ARG A 250 -3.30 -11.46 -1.40
CA ARG A 250 -2.32 -12.47 -1.69
C ARG A 250 -2.60 -13.72 -0.87
N LYS A 251 -2.00 -14.84 -1.30
CA LYS A 251 -2.08 -16.05 -0.50
C LYS A 251 -1.56 -15.89 0.92
N ASP A 252 -0.57 -15.00 1.14
CA ASP A 252 -0.04 -14.82 2.49
C ASP A 252 -0.84 -13.86 3.36
N ASP A 253 -1.83 -13.17 2.79
CA ASP A 253 -2.78 -12.40 3.62
C ASP A 253 -3.56 -13.38 4.52
N THR A 254 -3.97 -12.86 5.68
CA THR A 254 -4.69 -13.66 6.67
C THR A 254 -6.04 -13.07 7.03
N ILE A 255 -6.59 -12.30 6.10
CA ILE A 255 -7.88 -11.70 6.23
C ILE A 255 -8.66 -12.18 5.01
N PRO A 256 -9.97 -12.44 5.15
CA PRO A 256 -10.79 -12.87 4.00
C PRO A 256 -10.89 -11.80 2.91
N ALA A 257 -10.97 -12.24 1.65
CA ALA A 257 -11.16 -11.27 0.56
C ALA A 257 -12.48 -10.53 0.63
N ILE A 258 -13.53 -11.24 1.03
CA ILE A 258 -14.86 -10.66 1.10
C ILE A 258 -15.26 -10.59 2.56
N ILE A 259 -15.46 -9.37 3.02
CA ILE A 259 -15.83 -9.11 4.40
C ILE A 259 -17.28 -8.66 4.40
N SER A 260 -18.11 -9.38 5.14
CA SER A 260 -19.53 -9.07 5.23
C SER A 260 -19.96 -8.75 6.64
N HIS A 261 -20.79 -7.73 6.77
CA HIS A 261 -21.30 -7.32 8.06
C HIS A 261 -22.77 -7.61 8.25
N ASP A 262 -23.35 -8.36 7.31
CA ASP A 262 -24.75 -8.74 7.39
C ASP A 262 -24.88 -10.03 8.20
N GLU A 263 -26.08 -10.26 8.72
CA GLU A 263 -26.42 -11.49 9.41
C GLU A 263 -26.87 -12.59 8.47
#